data_5RZA
#
_entry.id   5RZA
#
_cell.length_a   38.750
_cell.length_b   77.710
_cell.length_c   99.660
_cell.angle_alpha   90.000
_cell.angle_beta   90.000
_cell.angle_gamma   90.000
#
_symmetry.space_group_name_H-M   'P 21 21 21'
#
loop_
_entity.id
_entity.type
_entity.pdbx_description
1 polymer 'Isoform 2 of Band 4.1-like protein 3'
2 non-polymer 2-[(3-fluorophenyl)methyl]-1lambda~6~,2-thiazolidine-1,1-dione
3 non-polymer 'DIMETHYL SULFOXIDE'
4 non-polymer 1,2-ETHANEDIOL
5 water water
#
_entity_poly.entity_id   1
_entity_poly.type   'polypeptide(L)'
_entity_poly.pdbx_seq_one_letter_code
;SMPKSMQCKVILLDGSEYTCDVEKRSRGQVLFDKVCEHLNLLEKDYFGLTYRDAENQKNWLDPAKEIKKQVRSGAWHFSF
NVKFYPPDPAQLSEDITRYYLCLQLRDDIVSGRLPCSFVTLALLGSYTVQSELGDYDPDECGSDYISEFRFAPNHTKELE
DKVIELHKSHRGMTPAEAEMHFLENAKKLSMYGVDLHHAKDSEGVEIMLGVCASGLLIYRDRLRINRFAWPKVLKISYKR
NNFYIKIRPGEFEQFESTIGFKLPNHRAAKRLWKVCVEHHTFFRLL
;
_entity_poly.pdbx_strand_id   A
#
loop_
_chem_comp.id
_chem_comp.type
_chem_comp.name
_chem_comp.formula
DMS non-polymer 'DIMETHYL SULFOXIDE' 'C2 H6 O S'
EDO non-polymer 1,2-ETHANEDIOL 'C2 H6 O2'
WHM non-polymer 2-[(3-fluorophenyl)methyl]-1lambda~6~,2-thiazolidine-1,1-dione 'C10 H12 F N O2 S'
#
# COMPACT_ATOMS: atom_id res chain seq x y z
N PRO A 3 -21.73 22.58 -19.12
CA PRO A 3 -20.96 22.05 -17.98
C PRO A 3 -19.59 21.51 -18.44
N LYS A 4 -18.52 22.19 -18.06
CA LYS A 4 -17.14 21.90 -18.56
C LYS A 4 -16.53 20.70 -17.84
N SER A 5 -15.96 19.77 -18.61
N SER A 5 -16.04 19.75 -18.64
CA SER A 5 -15.43 18.48 -18.11
CA SER A 5 -15.39 18.48 -18.21
C SER A 5 -13.92 18.32 -18.39
C SER A 5 -13.87 18.66 -18.18
N MET A 6 -13.17 17.82 -17.42
CA MET A 6 -11.68 17.66 -17.49
C MET A 6 -11.34 16.19 -17.73
N GLN A 7 -10.34 15.94 -18.56
CA GLN A 7 -9.86 14.59 -18.88
C GLN A 7 -9.00 14.06 -17.73
N CYS A 8 -9.32 12.89 -17.20
CA CYS A 8 -8.57 12.25 -16.09
C CYS A 8 -7.88 11.01 -16.63
N LYS A 9 -6.61 10.83 -16.29
CA LYS A 9 -5.81 9.66 -16.64
C LYS A 9 -5.42 8.94 -15.34
N VAL A 10 -5.80 7.66 -15.28
CA VAL A 10 -5.56 6.80 -14.07
C VAL A 10 -4.70 5.61 -14.47
N ILE A 11 -3.52 5.48 -13.84
CA ILE A 11 -2.66 4.27 -13.91
C ILE A 11 -3.27 3.21 -12.99
N LEU A 12 -3.75 2.14 -13.59
CA LEU A 12 -4.29 0.93 -12.94
C LEU A 12 -3.18 0.00 -12.47
N LEU A 13 -3.52 -0.92 -11.57
CA LEU A 13 -2.51 -1.77 -10.90
C LEU A 13 -1.87 -2.75 -11.90
N ASP A 14 -2.53 -3.07 -13.04
CA ASP A 14 -1.93 -3.93 -14.11
C ASP A 14 -1.02 -3.07 -14.98
N GLY A 15 -0.89 -1.78 -14.66
CA GLY A 15 0.02 -0.88 -15.39
C GLY A 15 -0.62 -0.25 -16.62
N SER A 16 -1.88 -0.57 -16.93
CA SER A 16 -2.60 0.09 -18.05
C SER A 16 -3.19 1.44 -17.59
N GLU A 17 -3.58 2.28 -18.55
CA GLU A 17 -4.10 3.67 -18.36
C GLU A 17 -5.62 3.67 -18.58
N TYR A 18 -6.42 4.13 -17.62
CA TYR A 18 -7.85 4.39 -17.85
C TYR A 18 -8.02 5.91 -18.04
N THR A 19 -8.70 6.32 -19.12
CA THR A 19 -9.05 7.74 -19.38
C THR A 19 -10.54 7.93 -19.13
N CYS A 20 -10.95 8.99 -18.43
CA CYS A 20 -12.37 9.40 -18.40
C CYS A 20 -12.45 10.90 -18.20
N ASP A 21 -13.65 11.45 -18.20
CA ASP A 21 -13.89 12.89 -17.98
C ASP A 21 -14.80 13.05 -16.78
N VAL A 22 -14.63 14.11 -16.02
CA VAL A 22 -15.56 14.51 -14.95
C VAL A 22 -15.78 16.01 -15.06
N GLU A 23 -16.91 16.53 -14.60
CA GLU A 23 -17.11 17.99 -14.52
C GLU A 23 -15.92 18.58 -13.73
N LYS A 24 -15.42 19.76 -14.12
CA LYS A 24 -14.18 20.35 -13.53
C LYS A 24 -14.34 20.65 -12.02
N ARG A 25 -15.55 20.89 -11.50
CA ARG A 25 -15.75 21.09 -10.03
C ARG A 25 -16.05 19.75 -9.31
N SER A 26 -15.90 18.61 -9.97
CA SER A 26 -16.13 17.29 -9.32
C SER A 26 -15.31 17.07 -8.03
N ARG A 27 -15.90 16.39 -7.06
CA ARG A 27 -15.18 15.88 -5.85
C ARG A 27 -14.44 14.59 -6.21
N GLY A 28 -13.47 14.19 -5.40
CA GLY A 28 -12.65 13.01 -5.77
C GLY A 28 -13.50 11.75 -5.91
N GLN A 29 -14.60 11.63 -5.12
CA GLN A 29 -15.45 10.42 -5.11
C GLN A 29 -16.02 10.15 -6.51
N VAL A 30 -16.36 11.20 -7.26
CA VAL A 30 -16.96 11.04 -8.62
C VAL A 30 -15.97 10.23 -9.44
N LEU A 31 -14.70 10.64 -9.48
CA LEU A 31 -13.68 9.95 -10.32
C LEU A 31 -13.46 8.54 -9.76
N PHE A 32 -13.30 8.41 -8.47
CA PHE A 32 -13.06 7.09 -7.83
C PHE A 32 -14.19 6.10 -8.21
N ASP A 33 -15.44 6.53 -8.11
CA ASP A 33 -16.62 5.67 -8.46
C ASP A 33 -16.50 5.17 -9.89
N LYS A 34 -16.14 6.05 -10.84
CA LYS A 34 -15.92 5.70 -12.27
C LYS A 34 -14.82 4.63 -12.39
N VAL A 35 -13.66 4.82 -11.74
CA VAL A 35 -12.55 3.84 -11.82
C VAL A 35 -13.00 2.48 -11.25
N CYS A 36 -13.64 2.48 -10.09
CA CYS A 36 -14.06 1.23 -9.41
C CYS A 36 -15.10 0.49 -10.26
N GLU A 37 -16.05 1.21 -10.86
CA GLU A 37 -17.01 0.59 -11.81
C GLU A 37 -16.24 -0.03 -12.97
N HIS A 38 -15.31 0.71 -13.60
CA HIS A 38 -14.46 0.13 -14.66
C HIS A 38 -13.84 -1.18 -14.17
N LEU A 39 -13.39 -1.23 -12.91
CA LEU A 39 -12.61 -2.39 -12.42
C LEU A 39 -13.54 -3.51 -11.91
N ASN A 40 -14.87 -3.33 -11.95
CA ASN A 40 -15.91 -4.25 -11.37
C ASN A 40 -15.63 -4.47 -9.87
N LEU A 41 -15.24 -3.41 -9.19
CA LEU A 41 -14.81 -3.50 -7.77
C LEU A 41 -15.94 -2.93 -6.89
N LEU A 42 -16.42 -3.78 -5.99
CA LEU A 42 -17.48 -3.47 -5.00
C LEU A 42 -16.85 -3.16 -3.65
N GLU A 43 -15.81 -3.87 -3.25
CA GLU A 43 -15.20 -3.66 -1.94
C GLU A 43 -14.24 -2.47 -2.00
N LYS A 44 -14.78 -1.26 -2.18
CA LYS A 44 -14.04 -0.03 -2.56
C LYS A 44 -13.27 0.58 -1.36
N ASP A 45 -13.68 0.30 -0.12
CA ASP A 45 -13.19 0.97 1.11
C ASP A 45 -11.68 0.82 1.32
N TYR A 46 -11.07 -0.27 0.84
CA TYR A 46 -9.61 -0.53 0.93
C TYR A 46 -8.77 0.30 -0.05
N PHE A 47 -9.35 1.02 -1.00
CA PHE A 47 -8.59 1.59 -2.14
C PHE A 47 -8.77 3.11 -2.19
N GLY A 48 -8.02 3.76 -3.05
CA GLY A 48 -8.08 5.20 -3.23
C GLY A 48 -7.26 5.53 -4.47
N LEU A 49 -7.29 6.79 -4.82
CA LEU A 49 -6.47 7.35 -5.90
C LEU A 49 -5.37 8.22 -5.30
N THR A 50 -4.17 8.12 -5.86
CA THR A 50 -3.04 9.00 -5.49
C THR A 50 -2.80 9.95 -6.68
N TYR A 51 -2.19 11.09 -6.37
CA TYR A 51 -1.63 12.02 -7.35
C TYR A 51 -0.29 12.51 -6.79
N ARG A 52 0.49 13.19 -7.62
CA ARG A 52 1.82 13.73 -7.27
C ARG A 52 1.65 15.25 -7.15
N ASP A 53 2.13 15.84 -6.07
CA ASP A 53 1.97 17.30 -5.90
C ASP A 53 3.14 17.98 -6.62
N ALA A 54 3.19 19.31 -6.47
CA ALA A 54 4.21 20.19 -7.08
C ALA A 54 5.59 19.92 -6.45
N GLU A 55 5.68 19.33 -5.25
CA GLU A 55 6.98 18.86 -4.68
C GLU A 55 7.28 17.42 -5.16
N ASN A 56 6.42 16.84 -5.99
CA ASN A 56 6.52 15.44 -6.53
C ASN A 56 6.21 14.40 -5.43
N GLN A 57 5.45 14.74 -4.38
CA GLN A 57 5.16 13.73 -3.30
C GLN A 57 3.82 13.05 -3.64
N LYS A 58 3.68 11.78 -3.29
CA LYS A 58 2.41 11.02 -3.40
C LYS A 58 1.46 11.55 -2.33
N ASN A 59 0.25 11.88 -2.73
CA ASN A 59 -0.84 12.35 -1.88
C ASN A 59 -2.04 11.48 -2.18
N TRP A 60 -2.85 11.16 -1.17
CA TRP A 60 -4.19 10.56 -1.40
C TRP A 60 -5.16 11.64 -1.92
N LEU A 61 -5.91 11.37 -2.97
CA LEU A 61 -6.99 12.25 -3.43
C LEU A 61 -8.14 12.10 -2.41
N ASP A 62 -8.49 13.20 -1.73
CA ASP A 62 -9.60 13.14 -0.74
C ASP A 62 -10.90 13.05 -1.51
N PRO A 63 -11.68 11.97 -1.35
CA PRO A 63 -12.93 11.79 -2.07
C PRO A 63 -13.98 12.87 -1.75
N ALA A 64 -13.86 13.51 -0.60
CA ALA A 64 -14.85 14.52 -0.13
C ALA A 64 -14.59 15.91 -0.71
N LYS A 65 -13.43 16.16 -1.31
CA LYS A 65 -13.06 17.54 -1.75
C LYS A 65 -12.90 17.60 -3.26
N GLU A 66 -12.98 18.82 -3.79
CA GLU A 66 -12.88 19.07 -5.23
C GLU A 66 -11.52 18.53 -5.69
N ILE A 67 -11.49 17.87 -6.82
CA ILE A 67 -10.23 17.42 -7.44
C ILE A 67 -9.34 18.65 -7.72
N LYS A 68 -9.90 19.73 -8.27
CA LYS A 68 -9.08 20.90 -8.69
C LYS A 68 -8.40 21.51 -7.48
N LYS A 69 -8.97 21.49 -6.28
CA LYS A 69 -8.32 22.14 -5.11
C LYS A 69 -7.25 21.27 -4.51
N GLN A 70 -7.09 20.05 -5.02
CA GLN A 70 -6.02 19.12 -4.58
C GLN A 70 -4.92 19.08 -5.64
N VAL A 71 -5.26 18.82 -6.91
CA VAL A 71 -4.22 18.75 -7.98
C VAL A 71 -3.70 20.17 -8.24
N ARG A 72 -4.51 21.18 -7.96
CA ARG A 72 -4.16 22.64 -8.04
C ARG A 72 -3.54 22.93 -9.39
N SER A 73 -2.21 23.05 -9.50
CA SER A 73 -1.53 23.45 -10.75
C SER A 73 -1.12 22.22 -11.58
N GLY A 74 -1.11 21.02 -10.98
CA GLY A 74 -0.64 19.78 -11.65
C GLY A 74 -1.67 19.25 -12.65
N ALA A 75 -1.21 18.29 -13.44
CA ALA A 75 -1.99 17.44 -14.38
C ALA A 75 -3.03 16.61 -13.63
N TRP A 76 -4.15 16.32 -14.28
CA TRP A 76 -5.19 15.42 -13.71
C TRP A 76 -4.79 13.97 -14.04
N HIS A 77 -3.71 13.53 -13.40
CA HIS A 77 -3.10 12.21 -13.57
C HIS A 77 -3.06 11.55 -12.20
N PHE A 78 -3.47 10.30 -12.13
CA PHE A 78 -3.68 9.62 -10.83
C PHE A 78 -3.18 8.19 -10.97
N SER A 79 -2.99 7.53 -9.85
CA SER A 79 -2.86 6.04 -9.78
C SER A 79 -3.94 5.47 -8.88
N PHE A 80 -4.35 4.24 -9.18
CA PHE A 80 -5.31 3.49 -8.35
C PHE A 80 -4.50 2.60 -7.43
N ASN A 81 -4.70 2.72 -6.12
CA ASN A 81 -3.88 2.03 -5.10
C ASN A 81 -4.69 1.47 -3.93
N VAL A 82 -4.11 0.48 -3.30
CA VAL A 82 -4.57 0.02 -1.95
C VAL A 82 -4.21 1.10 -0.93
N LYS A 83 -5.22 1.59 -0.21
CA LYS A 83 -5.03 2.61 0.85
C LYS A 83 -4.95 1.89 2.21
N PHE A 84 -5.89 1.00 2.51
CA PHE A 84 -5.93 0.24 3.79
C PHE A 84 -5.70 -1.25 3.50
N TYR A 85 -4.52 -1.78 3.85
CA TYR A 85 -4.14 -3.19 3.57
C TYR A 85 -4.84 -4.06 4.62
N PRO A 86 -5.80 -4.92 4.26
CA PRO A 86 -6.53 -5.67 5.30
C PRO A 86 -5.59 -6.64 6.01
N PRO A 87 -5.53 -6.67 7.35
CA PRO A 87 -4.68 -7.64 8.05
C PRO A 87 -5.15 -9.09 7.81
N ASP A 88 -6.38 -9.31 7.39
CA ASP A 88 -6.81 -10.71 7.12
C ASP A 88 -7.52 -10.76 5.79
N PRO A 89 -6.77 -10.91 4.67
CA PRO A 89 -7.40 -10.81 3.35
C PRO A 89 -8.42 -11.92 3.07
N ALA A 90 -8.30 -13.07 3.75
CA ALA A 90 -9.28 -14.18 3.68
C ALA A 90 -10.65 -13.67 4.10
N GLN A 91 -10.76 -12.58 4.85
CA GLN A 91 -12.11 -12.10 5.26
C GLN A 91 -12.72 -11.13 4.24
N LEU A 92 -12.00 -10.73 3.19
CA LEU A 92 -12.66 -9.92 2.14
C LEU A 92 -13.74 -10.78 1.49
N SER A 93 -14.83 -10.19 1.06
CA SER A 93 -15.99 -10.98 0.59
C SER A 93 -15.80 -11.40 -0.88
N GLU A 94 -14.96 -10.69 -1.67
CA GLU A 94 -14.84 -11.02 -3.10
C GLU A 94 -13.41 -11.35 -3.51
N ASP A 95 -13.31 -12.35 -4.39
CA ASP A 95 -12.08 -12.74 -5.09
C ASP A 95 -11.51 -11.53 -5.85
N ILE A 96 -12.31 -10.70 -6.49
CA ILE A 96 -11.74 -9.63 -7.35
C ILE A 96 -11.02 -8.64 -6.45
N THR A 97 -11.48 -8.45 -5.20
CA THR A 97 -10.81 -7.61 -4.19
C THR A 97 -9.43 -8.15 -3.89
N ARG A 98 -9.37 -9.45 -3.61
CA ARG A 98 -8.09 -10.15 -3.35
C ARG A 98 -7.17 -9.98 -4.56
N TYR A 99 -7.72 -10.07 -5.77
CA TYR A 99 -6.94 -9.91 -7.02
C TYR A 99 -6.24 -8.55 -7.04
N TYR A 100 -6.96 -7.44 -6.86
CA TYR A 100 -6.37 -6.09 -6.90
C TYR A 100 -5.35 -5.97 -5.75
N LEU A 101 -5.65 -6.57 -4.59
CA LEU A 101 -4.69 -6.56 -3.47
C LEU A 101 -3.36 -7.23 -3.87
N CYS A 102 -3.42 -8.38 -4.58
CA CYS A 102 -2.23 -9.09 -5.09
C CYS A 102 -1.47 -8.17 -6.05
N LEU A 103 -2.18 -7.51 -6.98
CA LEU A 103 -1.45 -6.69 -7.96
C LEU A 103 -0.70 -5.59 -7.20
N GLN A 104 -1.33 -4.96 -6.19
CA GLN A 104 -0.66 -3.87 -5.44
C GLN A 104 0.58 -4.42 -4.73
N LEU A 105 0.47 -5.61 -4.12
CA LEU A 105 1.58 -6.18 -3.38
C LEU A 105 2.72 -6.56 -4.31
N ARG A 106 2.43 -7.08 -5.50
CA ARG A 106 3.49 -7.38 -6.51
C ARG A 106 4.32 -6.11 -6.74
N ASP A 107 3.68 -4.96 -6.89
CA ASP A 107 4.39 -3.67 -7.10
C ASP A 107 5.14 -3.28 -5.82
N ASP A 108 4.51 -3.43 -4.68
CA ASP A 108 5.19 -3.21 -3.39
C ASP A 108 6.49 -4.00 -3.33
N ILE A 109 6.48 -5.22 -3.84
CA ILE A 109 7.65 -6.10 -3.70
C ILE A 109 8.71 -5.67 -4.73
N VAL A 110 8.32 -5.56 -6.01
CA VAL A 110 9.25 -5.23 -7.13
C VAL A 110 9.96 -3.91 -6.80
N SER A 111 9.22 -2.97 -6.20
CA SER A 111 9.64 -1.58 -5.91
C SER A 111 10.61 -1.57 -4.75
N GLY A 112 10.55 -2.58 -3.89
CA GLY A 112 11.36 -2.64 -2.64
C GLY A 112 10.68 -1.98 -1.48
N ARG A 113 9.44 -1.50 -1.62
CA ARG A 113 8.68 -0.99 -0.45
C ARG A 113 8.41 -2.15 0.50
N LEU A 114 8.37 -3.40 0.02
CA LEU A 114 8.01 -4.57 0.89
C LEU A 114 9.13 -5.59 0.81
N PRO A 115 10.11 -5.51 1.72
CA PRO A 115 11.28 -6.35 1.69
C PRO A 115 10.80 -7.76 1.93
N CYS A 116 11.57 -8.71 1.43
N CYS A 116 11.42 -8.71 1.21
CA CYS A 116 11.17 -10.11 1.30
CA CYS A 116 11.16 -10.17 1.27
C CYS A 116 12.42 -10.99 1.13
C CYS A 116 12.48 -10.92 1.23
N SER A 117 12.50 -12.09 1.87
CA SER A 117 13.58 -13.10 1.78
C SER A 117 13.54 -13.71 0.38
N PHE A 118 14.66 -14.27 -0.04
CA PHE A 118 14.77 -15.07 -1.29
C PHE A 118 13.58 -16.03 -1.38
N VAL A 119 13.41 -16.85 -0.34
CA VAL A 119 12.42 -17.95 -0.40
C VAL A 119 11.00 -17.40 -0.51
N THR A 120 10.69 -16.31 0.18
CA THR A 120 9.35 -15.69 0.09
C THR A 120 9.18 -15.00 -1.27
N LEU A 121 10.20 -14.35 -1.84
CA LEU A 121 10.12 -13.87 -3.25
C LEU A 121 9.74 -15.01 -4.21
N ALA A 122 10.41 -16.17 -4.14
CA ALA A 122 10.17 -17.33 -5.04
C ALA A 122 8.77 -17.92 -4.80
N LEU A 123 8.37 -18.06 -3.54
CA LEU A 123 7.03 -18.58 -3.22
C LEU A 123 5.91 -17.68 -3.74
N LEU A 124 5.95 -16.38 -3.42
CA LEU A 124 5.01 -15.39 -3.97
C LEU A 124 5.01 -15.42 -5.50
N GLY A 125 6.19 -15.41 -6.14
CA GLY A 125 6.28 -15.44 -7.58
C GLY A 125 5.59 -16.70 -8.12
N SER A 126 5.80 -17.85 -7.47
CA SER A 126 5.24 -19.14 -7.94
C SER A 126 3.71 -19.09 -7.90
N TYR A 127 3.12 -18.45 -6.91
CA TYR A 127 1.63 -18.33 -6.84
C TYR A 127 1.12 -17.39 -7.95
N THR A 128 1.79 -16.27 -8.16
CA THR A 128 1.44 -15.35 -9.30
C THR A 128 1.48 -16.14 -10.63
N VAL A 129 2.57 -16.83 -10.91
CA VAL A 129 2.66 -17.64 -12.15
C VAL A 129 1.47 -18.60 -12.22
N GLN A 130 1.14 -19.33 -11.15
CA GLN A 130 0.09 -20.34 -11.16
C GLN A 130 -1.25 -19.68 -11.46
N SER A 131 -1.50 -18.53 -10.83
N SER A 131 -1.50 -18.50 -10.86
CA SER A 131 -2.71 -17.70 -11.04
CA SER A 131 -2.74 -17.71 -11.04
C SER A 131 -2.80 -17.31 -12.51
C SER A 131 -2.83 -17.16 -12.46
N GLU A 132 -1.69 -16.82 -13.09
CA GLU A 132 -1.68 -16.23 -14.46
C GLU A 132 -1.46 -17.22 -15.60
N LEU A 133 -0.63 -18.25 -15.44
CA LEU A 133 -0.41 -19.20 -16.55
C LEU A 133 -1.17 -20.49 -16.28
N GLY A 134 -1.52 -20.78 -15.05
CA GLY A 134 -2.05 -22.13 -14.74
C GLY A 134 -0.95 -23.12 -14.44
N ASP A 135 -1.19 -24.40 -14.70
CA ASP A 135 -0.29 -25.52 -14.29
C ASP A 135 1.05 -25.36 -14.99
N TYR A 136 2.13 -25.68 -14.29
CA TYR A 136 3.51 -25.81 -14.85
C TYR A 136 3.44 -26.65 -16.13
N ASP A 137 4.08 -26.14 -17.17
CA ASP A 137 4.35 -26.79 -18.46
C ASP A 137 5.83 -26.68 -18.83
N PRO A 138 6.57 -27.80 -18.97
CA PRO A 138 7.97 -27.76 -19.43
C PRO A 138 8.20 -27.11 -20.81
N ASP A 139 7.17 -26.98 -21.64
CA ASP A 139 7.28 -26.48 -23.05
C ASP A 139 7.71 -25.01 -23.06
N GLU A 140 7.21 -24.22 -22.11
CA GLU A 140 7.56 -22.78 -21.99
C GLU A 140 8.54 -22.58 -20.84
N CYS A 141 9.58 -23.41 -20.81
CA CYS A 141 10.57 -23.44 -19.70
C CYS A 141 11.60 -24.55 -19.94
N GLY A 142 12.72 -24.21 -20.56
CA GLY A 142 13.94 -25.02 -20.56
C GLY A 142 14.79 -24.65 -19.36
N SER A 143 16.03 -25.15 -19.30
CA SER A 143 16.96 -24.89 -18.18
C SER A 143 17.34 -23.41 -18.16
N ASP A 144 17.01 -22.65 -19.22
CA ASP A 144 17.45 -21.22 -19.38
C ASP A 144 16.27 -20.24 -19.22
N TYR A 145 15.11 -20.68 -18.70
CA TYR A 145 13.86 -19.87 -18.66
C TYR A 145 14.03 -18.65 -17.73
N ILE A 146 13.64 -17.49 -18.25
CA ILE A 146 13.42 -16.23 -17.46
C ILE A 146 11.99 -15.72 -17.74
N SER A 147 11.13 -15.69 -16.72
CA SER A 147 9.71 -15.27 -16.79
C SER A 147 9.62 -13.79 -17.16
N GLU A 148 8.56 -13.43 -17.87
CA GLU A 148 8.25 -12.01 -18.16
C GLU A 148 7.86 -11.32 -16.84
N PHE A 149 7.47 -12.10 -15.81
CA PHE A 149 6.89 -11.55 -14.57
C PHE A 149 8.11 -11.00 -13.84
N ARG A 150 7.92 -9.82 -13.33
CA ARG A 150 8.78 -9.12 -12.36
C ARG A 150 8.35 -9.63 -10.99
N PHE A 151 9.28 -10.19 -10.24
CA PHE A 151 9.08 -10.86 -8.95
C PHE A 151 9.82 -10.16 -7.83
N ALA A 152 10.76 -9.27 -8.12
CA ALA A 152 11.74 -8.85 -7.11
C ALA A 152 12.45 -7.60 -7.56
N PRO A 153 12.98 -6.81 -6.61
CA PRO A 153 13.74 -5.62 -6.98
C PRO A 153 15.02 -5.97 -7.75
N ASN A 154 15.61 -7.14 -7.51
CA ASN A 154 16.78 -7.64 -8.28
C ASN A 154 16.59 -9.12 -8.58
N HIS A 155 16.43 -9.38 -9.86
CA HIS A 155 16.26 -10.73 -10.42
C HIS A 155 17.62 -11.44 -10.60
N THR A 156 17.65 -12.73 -10.31
CA THR A 156 18.81 -13.62 -10.45
C THR A 156 18.30 -14.89 -11.09
N LYS A 157 19.17 -15.60 -11.78
CA LYS A 157 18.77 -16.91 -12.36
C LYS A 157 18.34 -17.86 -11.24
N GLU A 158 19.05 -17.87 -10.12
CA GLU A 158 18.69 -18.72 -8.94
C GLU A 158 17.23 -18.43 -8.53
N LEU A 159 16.80 -17.16 -8.52
CA LEU A 159 15.41 -16.82 -8.11
C LEU A 159 14.42 -17.39 -9.14
N GLU A 160 14.69 -17.26 -10.43
CA GLU A 160 13.84 -17.74 -11.53
C GLU A 160 13.70 -19.26 -11.43
N ASP A 161 14.80 -19.92 -11.15
CA ASP A 161 14.79 -21.39 -10.98
C ASP A 161 13.88 -21.77 -9.79
N LYS A 162 13.94 -21.00 -8.72
CA LYS A 162 13.19 -21.39 -7.49
C LYS A 162 11.71 -21.19 -7.74
N VAL A 163 11.32 -20.10 -8.44
CA VAL A 163 9.92 -19.87 -8.84
C VAL A 163 9.44 -21.12 -9.59
N ILE A 164 10.22 -21.65 -10.51
CA ILE A 164 9.77 -22.78 -11.37
C ILE A 164 9.65 -24.04 -10.50
N GLU A 165 10.63 -24.27 -9.61
CA GLU A 165 10.57 -25.46 -8.72
C GLU A 165 9.26 -25.43 -7.92
N LEU A 166 8.87 -24.27 -7.36
CA LEU A 166 7.67 -24.19 -6.49
C LEU A 166 6.41 -24.23 -7.35
N HIS A 167 6.44 -23.59 -8.53
CA HIS A 167 5.31 -23.66 -9.49
C HIS A 167 4.97 -25.13 -9.81
N LYS A 168 5.97 -25.97 -10.01
CA LYS A 168 5.67 -27.40 -10.26
C LYS A 168 4.75 -27.96 -9.17
N SER A 169 4.83 -27.48 -7.94
CA SER A 169 4.15 -28.11 -6.78
C SER A 169 2.68 -27.67 -6.75
N HIS A 170 2.29 -26.64 -7.50
CA HIS A 170 0.93 -26.04 -7.38
C HIS A 170 -0.06 -26.62 -8.40
N ARG A 171 0.24 -27.72 -9.09
CA ARG A 171 -0.68 -28.30 -10.13
C ARG A 171 -2.13 -28.43 -9.60
N GLY A 172 -3.14 -27.98 -10.37
CA GLY A 172 -4.58 -28.08 -10.05
C GLY A 172 -5.09 -26.86 -9.30
N MET A 173 -4.18 -25.94 -8.92
CA MET A 173 -4.56 -24.73 -8.17
C MET A 173 -5.21 -23.75 -9.11
N THR A 174 -6.35 -23.23 -8.72
CA THR A 174 -7.10 -22.21 -9.50
C THR A 174 -6.58 -20.81 -9.15
N PRO A 175 -6.85 -19.81 -10.00
CA PRO A 175 -6.36 -18.46 -9.75
C PRO A 175 -6.75 -17.92 -8.40
N ALA A 176 -8.00 -18.11 -7.98
CA ALA A 176 -8.49 -17.59 -6.70
C ALA A 176 -7.72 -18.23 -5.56
N GLU A 177 -7.47 -19.53 -5.65
CA GLU A 177 -6.73 -20.31 -4.63
C GLU A 177 -5.27 -19.82 -4.54
N ALA A 178 -4.61 -19.62 -5.68
CA ALA A 178 -3.22 -19.15 -5.73
C ALA A 178 -3.13 -17.71 -5.14
N GLU A 179 -4.08 -16.84 -5.50
CA GLU A 179 -4.17 -15.46 -4.94
C GLU A 179 -4.33 -15.53 -3.42
N MET A 180 -5.20 -16.42 -2.93
CA MET A 180 -5.38 -16.59 -1.46
C MET A 180 -4.05 -17.02 -0.83
N HIS A 181 -3.35 -18.00 -1.38
CA HIS A 181 -2.03 -18.42 -0.84
C HIS A 181 -1.02 -17.27 -0.88
N PHE A 182 -1.02 -16.52 -1.96
CA PHE A 182 -0.12 -15.34 -2.10
C PHE A 182 -0.35 -14.45 -0.89
N LEU A 183 -1.62 -14.17 -0.59
CA LEU A 183 -2.02 -13.25 0.48
C LEU A 183 -1.70 -13.82 1.86
N GLU A 184 -1.81 -15.12 2.06
CA GLU A 184 -1.55 -15.72 3.40
C GLU A 184 -0.06 -15.55 3.75
N ASN A 185 0.81 -15.65 2.75
CA ASN A 185 2.26 -15.40 2.90
C ASN A 185 2.53 -13.88 3.04
N ALA A 186 2.12 -13.07 2.06
CA ALA A 186 2.45 -11.62 2.02
C ALA A 186 2.04 -10.92 3.31
N LYS A 187 0.86 -11.27 3.86
CA LYS A 187 0.29 -10.55 5.02
C LYS A 187 1.19 -10.72 6.25
N LYS A 188 2.11 -11.68 6.28
CA LYS A 188 2.95 -11.97 7.49
C LYS A 188 4.25 -11.18 7.44
N LEU A 189 4.58 -10.57 6.30
CA LEU A 189 5.85 -9.89 6.17
C LEU A 189 5.83 -8.68 7.12
N SER A 190 6.96 -8.38 7.73
CA SER A 190 6.98 -7.32 8.79
C SER A 190 6.69 -5.92 8.20
N MET A 191 6.90 -5.65 6.90
CA MET A 191 6.49 -4.34 6.34
C MET A 191 5.15 -4.42 5.57
N TYR A 192 4.39 -5.50 5.70
CA TYR A 192 3.06 -5.56 5.04
C TYR A 192 2.14 -4.41 5.48
N GLY A 193 1.75 -3.59 4.54
CA GLY A 193 0.75 -2.53 4.76
C GLY A 193 1.32 -1.31 5.48
N VAL A 194 2.64 -1.21 5.62
CA VAL A 194 3.29 -0.14 6.40
C VAL A 194 3.61 0.99 5.43
N ASP A 195 3.01 2.14 5.65
CA ASP A 195 3.30 3.41 4.92
C ASP A 195 4.42 4.14 5.69
N LEU A 196 5.63 4.26 5.14
CA LEU A 196 6.84 4.84 5.83
C LEU A 196 6.97 6.34 5.55
N HIS A 197 7.28 7.13 6.58
CA HIS A 197 7.51 8.58 6.43
C HIS A 197 8.85 8.91 7.08
N HIS A 198 9.78 9.53 6.34
CA HIS A 198 11.05 10.13 6.86
C HIS A 198 10.74 11.19 7.92
N ALA A 199 11.48 11.18 9.03
CA ALA A 199 11.30 12.14 10.13
C ALA A 199 12.59 12.21 10.96
N LYS A 200 12.66 13.22 11.83
CA LYS A 200 13.71 13.33 12.88
C LYS A 200 13.03 13.28 14.23
N ASP A 201 13.68 12.61 15.19
CA ASP A 201 13.20 12.54 16.58
C ASP A 201 13.53 13.89 17.21
N SER A 202 13.13 14.11 18.46
CA SER A 202 13.29 15.35 19.26
C SER A 202 14.78 15.72 19.43
N GLU A 203 15.70 14.79 19.22
CA GLU A 203 17.16 15.08 19.30
C GLU A 203 17.75 15.26 17.89
N GLY A 204 16.94 15.31 16.83
CA GLY A 204 17.40 15.54 15.45
C GLY A 204 17.91 14.28 14.76
N VAL A 205 17.72 13.09 15.34
CA VAL A 205 18.22 11.80 14.76
C VAL A 205 17.19 11.30 13.72
N GLU A 206 17.66 10.85 12.56
CA GLU A 206 16.83 10.40 11.42
C GLU A 206 16.15 9.08 11.79
N ILE A 207 14.82 9.06 11.76
CA ILE A 207 14.00 7.85 12.02
C ILE A 207 13.06 7.67 10.81
N MET A 208 12.22 6.65 10.88
CA MET A 208 11.07 6.49 9.96
C MET A 208 9.85 6.23 10.82
N LEU A 209 8.72 6.84 10.49
CA LEU A 209 7.42 6.55 11.14
C LEU A 209 6.61 5.68 10.17
N GLY A 210 6.14 4.53 10.64
CA GLY A 210 5.32 3.64 9.79
C GLY A 210 3.89 3.70 10.25
N VAL A 211 2.95 3.72 9.32
CA VAL A 211 1.50 3.75 9.66
C VAL A 211 0.89 2.48 9.08
N CYS A 212 0.22 1.70 9.92
CA CYS A 212 -0.47 0.48 9.46
C CYS A 212 -1.69 0.18 10.33
N ALA A 213 -2.37 -0.91 10.03
CA ALA A 213 -3.60 -1.36 10.72
C ALA A 213 -3.39 -1.45 12.24
N SER A 214 -2.24 -1.94 12.68
CA SER A 214 -2.07 -2.29 14.12
C SER A 214 -1.63 -1.04 14.90
N GLY A 215 -1.09 -0.03 14.21
CA GLY A 215 -0.74 1.21 14.91
C GLY A 215 0.34 2.00 14.23
N LEU A 216 1.15 2.67 15.05
CA LEU A 216 2.32 3.47 14.64
C LEU A 216 3.59 2.71 14.99
N LEU A 217 4.58 2.78 14.10
CA LEU A 217 5.91 2.18 14.27
C LEU A 217 6.94 3.31 14.19
N ILE A 218 7.89 3.33 15.13
CA ILE A 218 9.08 4.23 15.03
C ILE A 218 10.25 3.29 14.73
N TYR A 219 10.88 3.47 13.57
CA TYR A 219 12.08 2.71 13.13
C TYR A 219 13.34 3.55 13.38
N ARG A 220 13.87 3.48 14.61
CA ARG A 220 15.11 4.20 15.02
C ARG A 220 16.30 3.53 14.32
N ASP A 221 16.31 2.20 14.28
CA ASP A 221 17.06 1.35 13.34
C ASP A 221 16.54 -0.09 13.48
N ARG A 222 17.26 -1.08 12.95
CA ARG A 222 16.86 -2.52 12.99
C ARG A 222 16.82 -2.98 14.45
N LEU A 223 17.63 -2.38 15.33
CA LEU A 223 17.63 -2.62 16.80
C LEU A 223 16.98 -1.43 17.51
N ARG A 224 16.00 -1.71 18.39
CA ARG A 224 15.14 -0.74 19.10
C ARG A 224 14.11 -0.16 18.11
N ILE A 225 12.95 -0.81 18.01
CA ILE A 225 11.77 -0.39 17.20
C ILE A 225 10.58 -0.20 18.14
N ASN A 226 10.14 1.05 18.30
CA ASN A 226 9.02 1.47 19.17
C ASN A 226 7.71 1.21 18.40
N ARG A 227 6.71 0.65 19.08
CA ARG A 227 5.40 0.24 18.50
C ARG A 227 4.26 0.80 19.37
N PHE A 228 3.31 1.52 18.77
CA PHE A 228 2.16 2.07 19.51
C PHE A 228 0.89 1.48 18.88
N ALA A 229 0.38 0.35 19.41
CA ALA A 229 -0.98 -0.14 19.07
C ALA A 229 -1.88 1.09 19.11
N TRP A 230 -2.93 1.12 18.29
CA TRP A 230 -3.89 2.25 18.36
C TRP A 230 -4.37 2.47 19.80
N PRO A 231 -4.71 1.45 20.62
CA PRO A 231 -5.22 1.69 21.97
C PRO A 231 -4.35 2.65 22.80
N LYS A 232 -3.02 2.54 22.65
CA LYS A 232 -2.00 3.31 23.41
C LYS A 232 -1.95 4.77 22.93
N VAL A 233 -2.34 5.05 21.70
CA VAL A 233 -2.25 6.42 21.11
C VAL A 233 -3.50 7.21 21.53
N LEU A 234 -3.34 8.16 22.44
CA LEU A 234 -4.42 9.04 22.95
C LEU A 234 -4.84 10.01 21.85
N LYS A 235 -3.87 10.74 21.30
CA LYS A 235 -4.08 11.86 20.35
C LYS A 235 -2.83 12.04 19.50
N ILE A 236 -3.01 12.70 18.35
CA ILE A 236 -1.92 13.12 17.42
C ILE A 236 -2.22 14.55 16.96
N SER A 237 -1.18 15.28 16.60
CA SER A 237 -1.29 16.70 16.19
C SER A 237 -0.15 17.03 15.22
N TYR A 238 -0.34 18.08 14.42
CA TYR A 238 0.76 18.70 13.63
C TYR A 238 0.70 20.22 13.79
N LYS A 239 1.87 20.84 13.89
CA LYS A 239 1.99 22.31 14.02
C LYS A 239 3.28 22.65 13.29
N ARG A 240 3.18 23.50 12.27
CA ARG A 240 4.35 23.88 11.42
C ARG A 240 4.92 22.58 10.83
N ASN A 241 6.21 22.30 11.06
CA ASN A 241 6.93 21.10 10.55
C ASN A 241 6.88 19.97 11.58
N ASN A 242 6.06 20.12 12.62
CA ASN A 242 6.10 19.14 13.74
C ASN A 242 4.87 18.25 13.77
N PHE A 243 5.13 16.98 14.03
CA PHE A 243 4.12 15.94 14.31
C PHE A 243 4.39 15.43 15.72
N TYR A 244 3.39 15.49 16.61
CA TYR A 244 3.48 15.06 18.03
C TYR A 244 2.48 13.92 18.24
N ILE A 245 2.86 12.89 18.98
CA ILE A 245 1.86 11.85 19.40
C ILE A 245 1.82 11.80 20.93
N LYS A 246 0.59 11.69 21.45
CA LYS A 246 0.29 11.52 22.89
C LYS A 246 0.09 10.02 23.13
N ILE A 247 0.76 9.49 24.15
CA ILE A 247 0.76 8.04 24.51
C ILE A 247 0.11 7.92 25.91
N ARG A 248 -0.91 7.07 26.02
CA ARG A 248 -1.55 6.67 27.31
C ARG A 248 -0.47 6.42 28.36
N PRO A 249 -0.69 6.80 29.64
CA PRO A 249 0.13 6.28 30.73
C PRO A 249 -0.33 4.85 30.99
N GLY A 250 0.57 3.97 31.44
CA GLY A 250 0.18 2.66 32.02
C GLY A 250 -0.66 2.87 33.27
N GLU A 251 -1.43 1.87 33.70
CA GLU A 251 -2.32 1.97 34.89
C GLU A 251 -1.52 2.56 36.06
N PHE A 252 -2.11 3.53 36.79
CA PHE A 252 -1.58 4.13 38.04
C PHE A 252 -0.37 5.03 37.75
N GLU A 253 -0.09 5.32 36.48
CA GLU A 253 0.80 6.42 36.04
C GLU A 253 -0.11 7.63 35.75
N GLN A 254 0.31 8.84 36.12
CA GLN A 254 -0.62 10.01 36.26
C GLN A 254 -0.85 10.71 34.91
N PHE A 255 0.19 10.87 34.07
CA PHE A 255 0.17 11.78 32.90
C PHE A 255 0.67 11.08 31.62
N GLU A 256 -0.05 11.30 30.52
CA GLU A 256 0.36 10.85 29.17
C GLU A 256 1.77 11.36 28.89
N SER A 257 2.51 10.63 28.05
CA SER A 257 3.83 11.03 27.50
C SER A 257 3.62 11.66 26.12
N THR A 258 4.45 12.63 25.74
CA THR A 258 4.42 13.26 24.40
C THR A 258 5.73 12.93 23.68
N ILE A 259 5.61 12.31 22.52
CA ILE A 259 6.72 12.18 21.53
C ILE A 259 6.42 13.14 20.38
N GLY A 260 7.41 13.98 20.10
CA GLY A 260 7.45 14.93 18.96
C GLY A 260 8.41 14.50 17.90
N PHE A 261 8.03 14.80 16.65
CA PHE A 261 8.89 14.56 15.47
C PHE A 261 8.97 15.79 14.60
N LYS A 262 10.10 15.94 13.90
CA LYS A 262 10.30 16.96 12.85
C LYS A 262 10.15 16.31 11.50
N LEU A 263 9.25 16.81 10.67
CA LEU A 263 9.10 16.34 9.27
C LEU A 263 9.82 17.35 8.37
N PRO A 264 10.08 16.96 7.11
CA PRO A 264 10.80 17.81 6.14
C PRO A 264 10.21 19.21 5.95
N ASN A 265 8.89 19.32 5.96
CA ASN A 265 8.18 20.60 5.75
C ASN A 265 6.81 20.44 6.33
N HIS A 266 6.04 21.53 6.34
CA HIS A 266 4.67 21.58 6.86
C HIS A 266 3.78 20.58 6.12
N ARG A 267 3.97 20.43 4.80
CA ARG A 267 3.03 19.60 3.98
C ARG A 267 3.25 18.13 4.36
N ALA A 268 4.51 17.72 4.57
CA ALA A 268 4.84 16.34 4.97
C ALA A 268 4.23 16.05 6.37
N ALA A 269 4.25 17.04 7.27
CA ALA A 269 3.66 16.84 8.62
C ALA A 269 2.16 16.62 8.47
N LYS A 270 1.50 17.42 7.64
CA LYS A 270 0.01 17.38 7.49
C LYS A 270 -0.39 16.04 6.85
N ARG A 271 0.37 15.57 5.86
CA ARG A 271 0.13 14.32 5.13
C ARG A 271 0.17 13.13 6.10
N LEU A 272 1.22 13.10 6.92
CA LEU A 272 1.42 12.07 7.97
C LEU A 272 0.24 12.07 8.92
N TRP A 273 -0.16 13.26 9.42
CA TRP A 273 -1.32 13.42 10.34
C TRP A 273 -2.56 12.84 9.69
N LYS A 274 -2.82 13.14 8.44
CA LYS A 274 -4.09 12.72 7.81
C LYS A 274 -4.10 11.20 7.62
N VAL A 275 -3.00 10.62 7.15
CA VAL A 275 -2.90 9.14 6.94
C VAL A 275 -3.05 8.44 8.30
N CYS A 276 -2.49 8.99 9.39
CA CYS A 276 -2.65 8.40 10.74
C CYS A 276 -4.12 8.43 11.17
N VAL A 277 -4.79 9.59 11.05
CA VAL A 277 -6.22 9.78 11.40
C VAL A 277 -7.07 8.77 10.63
N GLU A 278 -6.83 8.64 9.32
CA GLU A 278 -7.60 7.71 8.44
C GLU A 278 -7.36 6.25 8.86
N HIS A 279 -6.12 5.82 9.09
CA HIS A 279 -5.79 4.44 9.60
C HIS A 279 -6.41 4.25 11.00
N HIS A 280 -6.39 5.26 11.86
CA HIS A 280 -6.97 5.12 13.23
C HIS A 280 -8.48 4.86 13.12
N THR A 281 -9.14 5.64 12.25
CA THR A 281 -10.61 5.61 11.99
C THR A 281 -11.00 4.27 11.37
N PHE A 282 -10.19 3.73 10.46
CA PHE A 282 -10.47 2.47 9.74
C PHE A 282 -10.20 1.28 10.65
N PHE A 283 -9.03 1.27 11.29
CA PHE A 283 -8.53 0.11 12.08
C PHE A 283 -8.75 0.40 13.57
N ARG A 284 -9.77 1.21 13.88
CA ARG A 284 -10.43 1.28 15.21
C ARG A 284 -11.58 0.26 15.19
N LEU A 285 -12.81 0.71 14.86
CA LEU A 285 -14.05 -0.11 14.67
C LEU A 285 -14.03 -1.37 15.55
N LEU A 286 -13.37 -2.45 15.09
CA LEU A 286 -13.33 -3.76 15.79
C LEU A 286 -12.08 -3.81 16.68
C4 WHM B . -10.81 -5.43 10.30
C5 WHM B . -11.67 -5.86 9.09
C6 WHM B . -12.20 -7.93 7.81
C7 WHM B . -12.17 -7.85 6.27
C8 WHM B . -10.70 -7.67 5.88
N WHM B . -11.22 -6.90 8.12
C WHM B . -10.79 -4.05 12.28
O WHM B . -9.41 -5.71 6.97
C1 WHM B . -9.48 -4.47 12.60
C2 WHM B . -8.84 -5.39 11.74
C3 WHM B . -9.50 -5.87 10.59
C9 WHM B . -11.45 -4.52 11.15
F WHM B . -11.46 -3.17 13.05
O1 WHM B . -8.85 -7.94 7.67
S WHM B . -9.84 -7.02 7.20
C4 WHM C . -7.02 10.12 16.55
C5 WHM C . -8.11 10.89 15.93
C6 WHM C . -9.03 13.06 15.16
C7 WHM C . -9.39 14.20 16.14
C8 WHM C . -8.25 14.23 17.23
N WHM C . -7.97 12.33 15.89
C WHM C . -5.04 8.83 16.36
O WHM C . -6.16 12.83 17.62
C1 WHM C . -5.16 8.36 17.68
C2 WHM C . -6.23 8.83 18.44
C3 WHM C . -7.15 9.71 17.87
C9 WHM C . -5.95 9.71 15.78
F WHM C . -4.04 8.40 15.65
O1 WHM C . -6.33 14.15 15.56
S WHM C . -6.92 13.37 16.58
S DMS D . 1.76 0.37 -11.84
O DMS D . 1.36 -0.35 -10.57
C1 DMS D . 3.37 1.08 -11.50
C2 DMS D . 2.30 -0.88 -12.99
S DMS E . 3.23 -5.51 11.32
O DMS E . 4.18 -6.63 11.08
C1 DMS E . 2.54 -5.13 9.72
C2 DMS E . 4.24 -4.11 11.59
C1 EDO F . -17.40 -13.72 -4.99
O1 EDO F . -16.02 -13.86 -5.35
C2 EDO F . -17.82 -14.81 -4.09
O2 EDO F . -16.71 -15.32 -3.36
C1 EDO G . 2.54 3.20 -3.57
O1 EDO G . 2.31 2.94 -4.94
C2 EDO G . 1.31 3.01 -2.77
O2 EDO G . 0.43 4.13 -2.84
C1 EDO H . 8.63 2.90 1.91
O1 EDO H . 8.69 3.96 0.96
C2 EDO H . 7.31 2.18 1.99
O2 EDO H . 6.22 2.87 2.65
C1 EDO I . 5.21 -7.87 -14.09
O1 EDO I . 5.37 -8.71 -15.20
C2 EDO I . 4.56 -8.62 -12.97
O2 EDO I . 4.81 -8.19 -11.63
C1 EDO J . 6.28 25.66 -1.24
O1 EDO J . 6.71 26.08 -2.52
C2 EDO J . 5.35 24.49 -1.27
O2 EDO J . 4.20 24.64 -0.44
C1 EDO K . 3.13 -0.15 0.56
O1 EDO K . 3.82 0.97 0.05
C2 EDO K . 2.47 0.14 1.85
O2 EDO K . 2.21 1.55 1.90
#